data_2MH8
#
_entry.id   2MH8
#
_cell.length_a   1.000
_cell.length_b   1.000
_cell.length_c   1.000
_cell.angle_alpha   90.00
_cell.angle_beta   90.00
_cell.angle_gamma   90.00
#
_symmetry.space_group_name_H-M   'P 1'
#
_entity_poly.entity_id   1
_entity_poly.type   'polypeptide(L)'
_entity_poly.pdbx_seq_one_letter_code
;NGDKGYNGLAEAKEKAIKDLKIYGIGEHYIKLIEKAKQVAAVEDLKDEILKAHDRF
;
_entity_poly.pdbx_strand_id   A
#
# COMPACT_ATOMS: atom_id res chain seq x y z
N ASN A 1 -11.39 -8.38 6.09
CA ASN A 1 -10.33 -7.41 5.83
C ASN A 1 -10.66 -6.06 6.45
N GLY A 2 -9.64 -5.39 6.98
CA GLY A 2 -9.80 -4.07 7.59
C GLY A 2 -10.12 -4.19 9.07
N ASP A 3 -9.81 -5.35 9.64
CA ASP A 3 -10.05 -5.59 11.06
C ASP A 3 -9.18 -4.68 11.93
N LYS A 4 -9.83 -3.86 12.75
CA LYS A 4 -9.12 -2.91 13.59
C LYS A 4 -8.50 -3.59 14.80
N GLY A 5 -9.08 -4.71 15.21
CA GLY A 5 -8.61 -5.45 16.37
C GLY A 5 -7.32 -6.20 16.06
N TYR A 6 -7.26 -6.81 14.88
CA TYR A 6 -6.08 -7.54 14.45
C TYR A 6 -5.00 -6.61 13.94
N ASN A 7 -3.77 -7.09 13.92
CA ASN A 7 -2.65 -6.31 13.39
C ASN A 7 -2.36 -6.66 11.94
N GLY A 8 -3.20 -7.51 11.36
CA GLY A 8 -3.04 -7.93 9.98
C GLY A 8 -3.13 -6.75 9.03
N LEU A 9 -4.04 -5.82 9.32
CA LEU A 9 -4.21 -4.62 8.52
C LEU A 9 -2.96 -3.75 8.58
N ALA A 10 -2.43 -3.57 9.78
CA ALA A 10 -1.25 -2.73 9.98
C ALA A 10 -0.03 -3.34 9.30
N GLU A 11 0.08 -4.67 9.37
CA GLU A 11 1.19 -5.37 8.73
C GLU A 11 1.05 -5.34 7.21
N ALA A 12 -0.18 -5.41 6.73
CA ALA A 12 -0.45 -5.31 5.30
C ALA A 12 -0.06 -3.93 4.77
N LYS A 13 -0.42 -2.88 5.51
CA LYS A 13 -0.08 -1.52 5.12
C LYS A 13 1.44 -1.29 5.20
N GLU A 14 2.07 -1.89 6.20
CA GLU A 14 3.51 -1.75 6.38
C GLU A 14 4.28 -2.34 5.20
N LYS A 15 3.94 -3.57 4.83
CA LYS A 15 4.62 -4.27 3.75
C LYS A 15 4.25 -3.68 2.39
N ALA A 16 3.05 -3.10 2.31
CA ALA A 16 2.61 -2.46 1.08
C ALA A 16 3.46 -1.23 0.76
N ILE A 17 3.65 -0.37 1.77
CA ILE A 17 4.42 0.86 1.58
C ILE A 17 5.92 0.57 1.58
N LYS A 18 6.30 -0.58 2.13
CA LYS A 18 7.65 -1.11 1.96
C LYS A 18 7.95 -1.38 0.49
N ASP A 19 7.05 -2.09 -0.18
CA ASP A 19 7.16 -2.31 -1.62
C ASP A 19 7.22 -0.99 -2.37
N LEU A 20 6.32 -0.07 -2.02
CA LEU A 20 6.24 1.22 -2.69
C LEU A 20 7.55 1.98 -2.60
N LYS A 21 8.15 1.99 -1.42
CA LYS A 21 9.41 2.69 -1.20
C LYS A 21 10.54 2.04 -1.99
N ILE A 22 10.44 0.73 -2.19
CA ILE A 22 11.41 0.00 -3.00
C ILE A 22 11.38 0.45 -4.45
N TYR A 23 10.20 0.89 -4.90
CA TYR A 23 10.02 1.30 -6.29
C TYR A 23 10.10 2.81 -6.43
N GLY A 24 10.55 3.48 -5.37
CA GLY A 24 10.80 4.92 -5.41
C GLY A 24 9.50 5.70 -5.39
N ILE A 25 8.46 5.11 -4.82
CA ILE A 25 7.16 5.77 -4.72
C ILE A 25 7.17 6.85 -3.66
N GLY A 26 6.60 8.01 -4.00
CA GLY A 26 6.64 9.17 -3.13
C GLY A 26 5.58 9.08 -2.03
N GLU A 27 5.64 9.99 -1.08
CA GLU A 27 4.75 9.96 0.08
C GLU A 27 3.30 10.17 -0.35
N HIS A 28 3.11 10.93 -1.42
CA HIS A 28 1.77 11.21 -1.93
C HIS A 28 0.95 9.93 -2.09
N TYR A 29 1.61 8.87 -2.55
CA TYR A 29 0.93 7.61 -2.83
C TYR A 29 1.04 6.66 -1.64
N ILE A 30 2.13 6.78 -0.88
CA ILE A 30 2.32 6.01 0.33
C ILE A 30 1.22 6.29 1.34
N LYS A 31 0.76 7.55 1.36
CA LYS A 31 -0.29 7.97 2.29
C LYS A 31 -1.62 7.28 1.96
N LEU A 32 -1.81 6.97 0.68
CA LEU A 32 -3.03 6.32 0.23
C LEU A 32 -3.21 4.95 0.88
N ILE A 33 -2.10 4.23 1.01
CA ILE A 33 -2.11 2.95 1.72
C ILE A 33 -2.42 3.13 3.20
N GLU A 34 -1.83 4.15 3.80
CA GLU A 34 -2.03 4.44 5.22
C GLU A 34 -3.49 4.81 5.49
N LYS A 35 -4.14 5.40 4.50
CA LYS A 35 -5.51 5.86 4.65
C LYS A 35 -6.49 4.82 4.13
N ALA A 36 -5.97 3.66 3.75
CA ALA A 36 -6.80 2.57 3.25
C ALA A 36 -7.74 2.05 4.34
N LYS A 37 -8.94 1.65 3.93
CA LYS A 37 -9.96 1.23 4.88
C LYS A 37 -9.83 -0.25 5.22
N GLN A 38 -9.25 -1.02 4.31
CA GLN A 38 -9.16 -2.46 4.46
C GLN A 38 -7.99 -3.03 3.66
N VAL A 39 -7.63 -4.28 3.96
CA VAL A 39 -6.48 -4.91 3.32
C VAL A 39 -6.67 -5.02 1.82
N ALA A 40 -7.92 -5.26 1.41
CA ALA A 40 -8.26 -5.30 -0.01
C ALA A 40 -7.93 -3.98 -0.69
N ALA A 41 -8.25 -2.88 -0.01
CA ALA A 41 -7.91 -1.55 -0.51
C ALA A 41 -6.40 -1.34 -0.56
N VAL A 42 -5.71 -1.87 0.44
CA VAL A 42 -4.25 -1.79 0.49
C VAL A 42 -3.64 -2.45 -0.73
N GLU A 43 -4.12 -3.64 -1.08
CA GLU A 43 -3.59 -4.38 -2.22
C GLU A 43 -3.93 -3.68 -3.53
N ASP A 44 -5.17 -3.23 -3.65
CA ASP A 44 -5.63 -2.57 -4.87
C ASP A 44 -4.90 -1.26 -5.09
N LEU A 45 -4.74 -0.48 -4.01
CA LEU A 45 -4.07 0.80 -4.10
C LEU A 45 -2.61 0.64 -4.52
N LYS A 46 -1.91 -0.28 -3.85
CA LYS A 46 -0.51 -0.53 -4.15
C LYS A 46 -0.30 -0.82 -5.63
N ASP A 47 -1.13 -1.69 -6.18
CA ASP A 47 -1.04 -2.05 -7.59
C ASP A 47 -1.25 -0.83 -8.48
N GLU A 48 -2.31 -0.08 -8.21
CA GLU A 48 -2.66 1.08 -9.02
C GLU A 48 -1.60 2.16 -8.92
N ILE A 49 -0.98 2.27 -7.74
CA ILE A 49 0.10 3.22 -7.53
C ILE A 49 1.31 2.87 -8.39
N LEU A 50 1.65 1.58 -8.44
CA LEU A 50 2.80 1.12 -9.20
C LEU A 50 2.52 1.17 -10.70
N LYS A 51 1.25 1.08 -11.06
CA LYS A 51 0.83 1.29 -12.44
C LYS A 51 1.03 2.74 -12.88
N ALA A 52 0.69 3.67 -12.00
CA ALA A 52 0.92 5.09 -12.25
C ALA A 52 2.40 5.40 -12.33
N HIS A 53 3.19 4.69 -11.53
CA HIS A 53 4.65 4.82 -11.57
C HIS A 53 5.19 4.33 -12.91
N ASP A 54 4.75 3.17 -13.34
CA ASP A 54 5.22 2.58 -14.59
C ASP A 54 4.62 3.29 -15.79
N ARG A 55 3.56 4.06 -15.55
CA ARG A 55 2.94 4.86 -16.60
C ARG A 55 3.73 6.13 -16.88
N PHE A 56 4.30 6.22 -18.06
CA PHE A 56 5.07 7.41 -18.46
C PHE A 56 4.45 8.08 -19.68
N ASN A 1 -5.64 4.76 8.83
CA ASN A 1 -6.77 5.60 9.20
C ASN A 1 -8.09 4.96 8.79
N GLY A 2 -9.02 4.89 9.73
CA GLY A 2 -10.31 4.25 9.47
C GLY A 2 -10.19 2.74 9.45
N ASP A 3 -9.16 2.23 10.13
CA ASP A 3 -8.87 0.80 10.11
C ASP A 3 -10.09 -0.01 10.55
N LYS A 4 -10.43 -1.03 9.76
CA LYS A 4 -11.53 -1.91 10.08
C LYS A 4 -11.10 -3.03 11.01
N GLY A 5 -9.80 -3.08 11.29
CA GLY A 5 -9.26 -4.02 12.29
C GLY A 5 -9.20 -5.44 11.74
N TYR A 6 -8.84 -5.55 10.46
CA TYR A 6 -8.70 -6.85 9.83
C TYR A 6 -7.41 -7.55 10.25
N ASN A 7 -7.40 -8.88 10.18
CA ASN A 7 -6.26 -9.66 10.62
C ASN A 7 -5.07 -9.47 9.67
N GLY A 8 -4.08 -8.71 10.13
CA GLY A 8 -2.90 -8.44 9.31
C GLY A 8 -3.09 -7.17 8.48
N LEU A 9 -4.01 -6.32 8.90
CA LEU A 9 -4.28 -5.07 8.20
C LEU A 9 -3.08 -4.14 8.28
N ALA A 10 -2.61 -3.88 9.49
CA ALA A 10 -1.44 -3.03 9.70
C ALA A 10 -0.20 -3.63 9.08
N GLU A 11 -0.08 -4.96 9.15
CA GLU A 11 1.01 -5.66 8.49
C GLU A 11 0.99 -5.42 6.99
N ALA A 12 -0.17 -5.56 6.38
CA ALA A 12 -0.33 -5.34 4.95
C ALA A 12 -0.05 -3.88 4.58
N LYS A 13 -0.54 -2.96 5.41
CA LYS A 13 -0.36 -1.54 5.16
C LYS A 13 1.12 -1.17 5.10
N GLU A 14 1.89 -1.67 6.07
CA GLU A 14 3.30 -1.35 6.16
C GLU A 14 4.08 -2.01 5.04
N LYS A 15 3.83 -3.30 4.80
CA LYS A 15 4.58 -4.07 3.83
C LYS A 15 4.25 -3.63 2.41
N ALA A 16 3.02 -3.16 2.21
CA ALA A 16 2.60 -2.66 0.92
C ALA A 16 3.38 -1.41 0.52
N ILE A 17 3.50 -0.47 1.45
CA ILE A 17 4.22 0.77 1.20
C ILE A 17 5.73 0.57 1.32
N LYS A 18 6.12 -0.50 1.98
CA LYS A 18 7.53 -0.89 2.05
C LYS A 18 8.08 -1.20 0.67
N ASP A 19 7.32 -1.97 -0.11
CA ASP A 19 7.69 -2.27 -1.49
C ASP A 19 7.64 -1.02 -2.35
N LEU A 20 6.64 -0.19 -2.13
CA LEU A 20 6.49 1.06 -2.88
C LEU A 20 7.71 1.95 -2.72
N LYS A 21 8.22 2.03 -1.49
CA LYS A 21 9.44 2.79 -1.22
C LYS A 21 10.61 2.24 -2.02
N ILE A 22 10.64 0.93 -2.20
CA ILE A 22 11.68 0.29 -3.01
C ILE A 22 11.54 0.65 -4.48
N TYR A 23 10.31 0.86 -4.92
CA TYR A 23 10.03 1.20 -6.31
C TYR A 23 10.11 2.70 -6.54
N GLY A 24 10.49 3.44 -5.50
CA GLY A 24 10.78 4.87 -5.63
C GLY A 24 9.51 5.70 -5.53
N ILE A 25 8.49 5.13 -4.90
CA ILE A 25 7.23 5.84 -4.69
C ILE A 25 7.33 6.79 -3.50
N GLY A 26 6.84 8.01 -3.69
CA GLY A 26 6.95 9.05 -2.67
C GLY A 26 5.78 9.00 -1.70
N GLU A 27 5.72 9.98 -0.81
CA GLU A 27 4.71 9.99 0.25
C GLU A 27 3.31 10.18 -0.32
N HIS A 28 3.23 10.88 -1.46
CA HIS A 28 1.95 11.18 -2.08
C HIS A 28 1.09 9.92 -2.23
N TYR A 29 1.73 8.82 -2.59
CA TYR A 29 1.03 7.57 -2.84
C TYR A 29 1.06 6.66 -1.62
N ILE A 30 2.12 6.76 -0.83
CA ILE A 30 2.23 6.01 0.40
C ILE A 30 1.11 6.36 1.37
N LYS A 31 0.72 7.64 1.39
CA LYS A 31 -0.32 8.11 2.28
C LYS A 31 -1.65 7.45 1.97
N LEU A 32 -1.85 7.08 0.70
CA LEU A 32 -3.08 6.46 0.26
C LEU A 32 -3.35 5.16 1.03
N ILE A 33 -2.32 4.33 1.15
CA ILE A 33 -2.44 3.06 1.86
C ILE A 33 -2.46 3.29 3.37
N GLU A 34 -1.79 4.33 3.82
CA GLU A 34 -1.84 4.74 5.22
C GLU A 34 -3.24 5.17 5.63
N LYS A 35 -4.01 5.65 4.65
CA LYS A 35 -5.39 6.05 4.89
C LYS A 35 -6.36 4.95 4.48
N ALA A 36 -5.83 3.79 4.15
CA ALA A 36 -6.65 2.66 3.75
C ALA A 36 -7.37 2.06 4.95
N LYS A 37 -8.59 1.58 4.71
CA LYS A 37 -9.42 1.05 5.80
C LYS A 37 -9.42 -0.47 5.80
N GLN A 38 -9.31 -1.06 4.62
CA GLN A 38 -9.41 -2.51 4.46
C GLN A 38 -8.18 -3.08 3.78
N VAL A 39 -7.93 -4.36 4.01
CA VAL A 39 -6.82 -5.04 3.35
C VAL A 39 -6.98 -5.02 1.83
N ALA A 40 -8.22 -5.17 1.37
CA ALA A 40 -8.52 -5.08 -0.05
C ALA A 40 -8.13 -3.71 -0.61
N ALA A 41 -8.40 -2.66 0.17
CA ALA A 41 -8.03 -1.31 -0.22
C ALA A 41 -6.51 -1.16 -0.29
N VAL A 42 -5.82 -1.77 0.66
CA VAL A 42 -4.36 -1.75 0.68
C VAL A 42 -3.78 -2.35 -0.60
N GLU A 43 -4.30 -3.52 -0.98
CA GLU A 43 -3.78 -4.24 -2.14
C GLU A 43 -4.14 -3.51 -3.44
N ASP A 44 -5.37 -3.02 -3.52
CA ASP A 44 -5.84 -2.32 -4.70
C ASP A 44 -5.05 -1.04 -4.93
N LEU A 45 -4.82 -0.29 -3.86
CA LEU A 45 -4.05 0.94 -3.94
C LEU A 45 -2.61 0.66 -4.35
N LYS A 46 -1.99 -0.32 -3.72
CA LYS A 46 -0.61 -0.69 -4.02
C LYS A 46 -0.45 -0.95 -5.51
N ASP A 47 -1.36 -1.72 -6.08
CA ASP A 47 -1.30 -2.07 -7.50
C ASP A 47 -1.44 -0.85 -8.38
N GLU A 48 -2.46 -0.04 -8.09
CA GLU A 48 -2.76 1.14 -8.90
C GLU A 48 -1.64 2.16 -8.83
N ILE A 49 -0.98 2.23 -7.67
CA ILE A 49 0.15 3.11 -7.48
C ILE A 49 1.33 2.71 -8.37
N LEU A 50 1.61 1.41 -8.40
CA LEU A 50 2.69 0.88 -9.23
C LEU A 50 2.37 1.04 -10.71
N LYS A 51 1.08 0.95 -11.06
CA LYS A 51 0.63 1.17 -12.42
C LYS A 51 0.91 2.60 -12.87
N ALA A 52 0.77 3.54 -11.94
CA ALA A 52 1.01 4.95 -12.24
C ALA A 52 2.46 5.20 -12.60
N HIS A 53 3.36 4.38 -12.06
CA HIS A 53 4.78 4.53 -12.31
C HIS A 53 5.28 3.45 -13.27
N ASP A 54 4.35 2.67 -13.81
CA ASP A 54 4.71 1.64 -14.78
C ASP A 54 5.75 0.68 -14.22
N ARG A 55 5.62 0.35 -12.95
CA ARG A 55 6.50 -0.64 -12.32
C ARG A 55 6.00 -2.06 -12.58
N PHE A 56 6.88 -2.89 -13.13
CA PHE A 56 6.54 -4.27 -13.44
C PHE A 56 7.53 -5.24 -12.80
N ASN A 1 10.98 -7.52 9.32
CA ASN A 1 9.76 -6.82 8.94
C ASN A 1 9.55 -6.83 7.43
N GLY A 2 8.30 -6.82 7.00
CA GLY A 2 7.96 -6.78 5.59
C GLY A 2 7.84 -8.18 5.01
N ASP A 3 7.50 -9.14 5.88
CA ASP A 3 7.29 -10.52 5.45
C ASP A 3 5.91 -10.73 4.87
N LYS A 4 5.78 -11.75 4.02
CA LYS A 4 4.49 -12.10 3.45
C LYS A 4 3.69 -13.01 4.39
N GLY A 5 2.37 -12.99 4.25
CA GLY A 5 1.50 -13.74 5.14
C GLY A 5 0.93 -12.87 6.25
N TYR A 6 1.05 -11.55 6.05
CA TYR A 6 0.54 -10.59 7.04
C TYR A 6 -0.98 -10.59 7.07
N ASN A 7 -1.54 -10.94 8.23
CA ASN A 7 -2.98 -11.06 8.37
C ASN A 7 -3.62 -9.75 8.84
N GLY A 8 -2.85 -8.98 9.60
CA GLY A 8 -3.37 -7.73 10.17
C GLY A 8 -3.44 -6.63 9.12
N LEU A 9 -4.26 -5.62 9.38
CA LEU A 9 -4.38 -4.49 8.49
C LEU A 9 -3.13 -3.63 8.49
N ALA A 10 -2.72 -3.19 9.67
CA ALA A 10 -1.50 -2.41 9.81
C ALA A 10 -0.28 -3.20 9.33
N GLU A 11 -0.32 -4.51 9.53
CA GLU A 11 0.72 -5.40 9.01
C GLU A 11 0.77 -5.33 7.49
N ALA A 12 -0.38 -5.48 6.85
CA ALA A 12 -0.47 -5.41 5.39
C ALA A 12 -0.03 -4.05 4.87
N LYS A 13 -0.35 -3.00 5.63
CA LYS A 13 0.06 -1.64 5.27
C LYS A 13 1.58 -1.51 5.30
N GLU A 14 2.21 -2.16 6.28
CA GLU A 14 3.66 -2.10 6.42
C GLU A 14 4.36 -2.68 5.19
N LYS A 15 4.01 -3.92 4.85
CA LYS A 15 4.65 -4.62 3.74
C LYS A 15 4.33 -3.94 2.41
N ALA A 16 3.06 -3.58 2.23
CA ALA A 16 2.61 -2.95 1.00
C ALA A 16 3.37 -1.66 0.74
N ILE A 17 3.47 -0.82 1.76
CA ILE A 17 4.16 0.46 1.64
C ILE A 17 5.66 0.27 1.48
N LYS A 18 6.21 -0.67 2.24
CA LYS A 18 7.64 -0.96 2.18
C LYS A 18 8.07 -1.33 0.76
N ASP A 19 7.28 -2.18 0.11
CA ASP A 19 7.53 -2.56 -1.27
C ASP A 19 7.53 -1.35 -2.19
N LEU A 20 6.56 -0.47 -1.99
CA LEU A 20 6.43 0.73 -2.80
C LEU A 20 7.62 1.67 -2.60
N LYS A 21 8.12 1.72 -1.37
CA LYS A 21 9.31 2.51 -1.05
C LYS A 21 10.54 1.96 -1.78
N ILE A 22 10.58 0.64 -1.94
CA ILE A 22 11.64 0.00 -2.71
C ILE A 22 11.55 0.36 -4.18
N TYR A 23 10.33 0.41 -4.69
CA TYR A 23 10.09 0.73 -6.10
C TYR A 23 10.43 2.19 -6.39
N GLY A 24 10.26 3.04 -5.38
CA GLY A 24 10.62 4.46 -5.49
C GLY A 24 9.38 5.34 -5.44
N ILE A 25 8.34 4.85 -4.79
CA ILE A 25 7.10 5.62 -4.65
C ILE A 25 7.21 6.66 -3.54
N GLY A 26 6.76 7.87 -3.83
CA GLY A 26 6.85 8.97 -2.87
C GLY A 26 5.71 8.93 -1.86
N GLU A 27 5.76 9.82 -0.87
CA GLU A 27 4.79 9.82 0.21
C GLU A 27 3.40 10.16 -0.31
N HIS A 28 3.34 10.90 -1.40
CA HIS A 28 2.06 11.31 -1.97
C HIS A 28 1.13 10.13 -2.14
N TYR A 29 1.69 8.99 -2.56
CA TYR A 29 0.89 7.80 -2.82
C TYR A 29 0.86 6.89 -1.60
N ILE A 30 1.94 6.89 -0.84
CA ILE A 30 2.04 6.06 0.37
C ILE A 30 0.92 6.40 1.35
N LYS A 31 0.53 7.67 1.38
CA LYS A 31 -0.51 8.13 2.29
C LYS A 31 -1.83 7.42 2.01
N LEU A 32 -2.03 7.01 0.76
CA LEU A 32 -3.27 6.35 0.36
C LEU A 32 -3.47 5.05 1.14
N ILE A 33 -2.43 4.22 1.17
CA ILE A 33 -2.48 2.96 1.90
C ILE A 33 -2.58 3.20 3.41
N GLU A 34 -1.89 4.22 3.88
CA GLU A 34 -1.93 4.60 5.29
C GLU A 34 -3.35 4.92 5.73
N LYS A 35 -4.13 5.50 4.83
CA LYS A 35 -5.48 5.94 5.16
C LYS A 35 -6.51 4.89 4.77
N ALA A 36 -6.03 3.72 4.36
CA ALA A 36 -6.90 2.62 3.99
C ALA A 36 -7.67 2.08 5.19
N LYS A 37 -8.83 1.51 4.93
CA LYS A 37 -9.70 1.02 6.00
C LYS A 37 -9.75 -0.51 6.04
N GLN A 38 -9.22 -1.13 4.99
CA GLN A 38 -9.22 -2.58 4.87
C GLN A 38 -8.10 -3.06 3.98
N VAL A 39 -7.72 -4.33 4.14
CA VAL A 39 -6.59 -4.89 3.40
C VAL A 39 -6.87 -4.94 1.91
N ALA A 40 -8.14 -5.14 1.55
CA ALA A 40 -8.56 -5.09 0.16
C ALA A 40 -8.20 -3.74 -0.47
N ALA A 41 -8.42 -2.67 0.26
CA ALA A 41 -8.06 -1.33 -0.19
C ALA A 41 -6.54 -1.17 -0.25
N VAL A 42 -5.85 -1.76 0.73
CA VAL A 42 -4.40 -1.72 0.76
C VAL A 42 -3.80 -2.37 -0.49
N GLU A 43 -4.34 -3.52 -0.88
CA GLU A 43 -3.83 -4.25 -2.03
C GLU A 43 -4.17 -3.54 -3.34
N ASP A 44 -5.40 -3.07 -3.44
CA ASP A 44 -5.86 -2.36 -4.63
C ASP A 44 -5.07 -1.07 -4.84
N LEU A 45 -4.87 -0.33 -3.76
CA LEU A 45 -4.08 0.89 -3.81
C LEU A 45 -2.62 0.61 -4.15
N LYS A 46 -2.07 -0.43 -3.52
CA LYS A 46 -0.69 -0.82 -3.77
C LYS A 46 -0.44 -1.02 -5.26
N ASP A 47 -1.32 -1.78 -5.91
CA ASP A 47 -1.17 -2.09 -7.33
C ASP A 47 -1.32 -0.85 -8.20
N GLU A 48 -2.38 -0.09 -7.95
CA GLU A 48 -2.69 1.08 -8.76
C GLU A 48 -1.62 2.16 -8.59
N ILE A 49 -1.07 2.26 -7.38
CA ILE A 49 0.02 3.18 -7.12
C ILE A 49 1.27 2.80 -7.90
N LEU A 50 1.59 1.51 -7.90
CA LEU A 50 2.75 1.01 -8.62
C LEU A 50 2.59 1.19 -10.12
N LYS A 51 1.36 1.05 -10.60
CA LYS A 51 1.04 1.30 -12.00
C LYS A 51 1.32 2.75 -12.38
N ALA A 52 0.89 3.67 -11.53
CA ALA A 52 1.15 5.09 -11.74
C ALA A 52 2.64 5.40 -11.67
N HIS A 53 3.35 4.69 -10.79
CA HIS A 53 4.79 4.85 -10.65
C HIS A 53 5.52 4.40 -11.91
N ASP A 54 5.14 3.23 -12.42
CA ASP A 54 5.77 2.68 -13.61
C ASP A 54 5.38 3.48 -14.85
N ARG A 55 4.19 4.06 -14.83
CA ARG A 55 3.71 4.87 -15.94
C ARG A 55 4.56 6.12 -16.13
N PHE A 56 4.92 6.41 -17.36
CA PHE A 56 5.73 7.59 -17.68
C PHE A 56 5.09 8.86 -17.12
N ASN A 1 -11.34 -9.02 5.64
CA ASN A 1 -10.18 -8.14 5.70
C ASN A 1 -10.53 -6.82 6.37
N GLY A 2 -9.55 -6.21 7.04
CA GLY A 2 -9.76 -4.94 7.71
C GLY A 2 -10.54 -5.12 9.00
N ASP A 3 -10.34 -6.27 9.64
CA ASP A 3 -11.07 -6.61 10.86
C ASP A 3 -10.54 -5.84 12.06
N LYS A 4 -11.34 -4.88 12.54
CA LYS A 4 -10.94 -4.07 13.68
C LYS A 4 -10.62 -4.93 14.89
N GLY A 5 -9.46 -4.69 15.50
CA GLY A 5 -9.03 -5.45 16.67
C GLY A 5 -7.77 -6.25 16.36
N TYR A 6 -7.53 -6.52 15.08
CA TYR A 6 -6.35 -7.25 14.65
C TYR A 6 -5.32 -6.32 14.03
N ASN A 7 -4.04 -6.69 14.15
CA ASN A 7 -2.96 -5.88 13.62
C ASN A 7 -2.55 -6.34 12.23
N GLY A 8 -3.33 -7.25 11.66
CA GLY A 8 -3.04 -7.78 10.33
C GLY A 8 -3.12 -6.68 9.28
N LEU A 9 -4.09 -5.78 9.43
CA LEU A 9 -4.22 -4.66 8.52
C LEU A 9 -3.03 -3.72 8.62
N ALA A 10 -2.63 -3.41 9.85
CA ALA A 10 -1.49 -2.53 10.09
C ALA A 10 -0.22 -3.09 9.45
N GLU A 11 -0.02 -4.39 9.60
CA GLU A 11 1.14 -5.06 9.02
C GLU A 11 1.07 -5.06 7.50
N ALA A 12 -0.12 -5.30 6.96
CA ALA A 12 -0.34 -5.27 5.52
C ALA A 12 0.00 -3.89 4.95
N LYS A 13 -0.38 -2.85 5.67
CA LYS A 13 -0.08 -1.48 5.26
C LYS A 13 1.42 -1.21 5.27
N GLU A 14 2.10 -1.70 6.30
CA GLU A 14 3.53 -1.51 6.45
C GLU A 14 4.29 -2.22 5.33
N LYS A 15 3.78 -3.38 4.92
CA LYS A 15 4.38 -4.14 3.83
C LYS A 15 4.23 -3.42 2.50
N ALA A 16 3.03 -2.89 2.26
CA ALA A 16 2.76 -2.12 1.05
C ALA A 16 3.57 -0.84 1.01
N ILE A 17 3.68 -0.18 2.16
CA ILE A 17 4.49 1.03 2.29
C ILE A 17 5.95 0.75 1.95
N LYS A 18 6.50 -0.30 2.55
CA LYS A 18 7.87 -0.71 2.25
C LYS A 18 8.04 -0.98 0.76
N ASP A 19 7.11 -1.73 0.18
CA ASP A 19 7.19 -2.08 -1.23
C ASP A 19 7.22 -0.83 -2.11
N LEU A 20 6.36 0.13 -1.80
CA LEU A 20 6.26 1.36 -2.58
C LEU A 20 7.57 2.16 -2.51
N LYS A 21 8.19 2.15 -1.33
CA LYS A 21 9.48 2.81 -1.16
C LYS A 21 10.59 2.09 -1.92
N ILE A 22 10.48 0.77 -1.99
CA ILE A 22 11.41 -0.03 -2.78
C ILE A 22 11.29 0.29 -4.26
N TYR A 23 10.06 0.47 -4.73
CA TYR A 23 9.81 0.79 -6.13
C TYR A 23 10.28 2.19 -6.46
N GLY A 24 10.25 3.08 -5.48
CA GLY A 24 10.71 4.46 -5.66
C GLY A 24 9.54 5.41 -5.85
N ILE A 25 8.41 5.07 -5.23
CA ILE A 25 7.20 5.89 -5.36
C ILE A 25 7.08 6.88 -4.21
N GLY A 26 6.64 8.10 -4.54
CA GLY A 26 6.70 9.20 -3.59
C GLY A 26 5.74 9.00 -2.43
N GLU A 27 5.95 9.74 -1.36
CA GLU A 27 5.15 9.58 -0.14
C GLU A 27 3.70 9.96 -0.39
N HIS A 28 3.48 10.87 -1.33
CA HIS A 28 2.13 11.30 -1.68
C HIS A 28 1.22 10.09 -1.94
N TYR A 29 1.77 9.09 -2.60
CA TYR A 29 0.99 7.91 -2.98
C TYR A 29 1.11 6.81 -1.93
N ILE A 30 2.22 6.81 -1.19
CA ILE A 30 2.39 5.90 -0.07
C ILE A 30 1.35 6.15 1.01
N LYS A 31 1.03 7.42 1.23
CA LYS A 31 0.09 7.80 2.28
C LYS A 31 -1.31 7.26 1.99
N LEU A 32 -1.57 6.96 0.72
CA LEU A 32 -2.84 6.38 0.32
C LEU A 32 -3.06 5.02 0.97
N ILE A 33 -1.97 4.28 1.17
CA ILE A 33 -2.03 3.00 1.85
C ILE A 33 -2.54 3.14 3.28
N GLU A 34 -2.08 4.20 3.96
CA GLU A 34 -2.45 4.43 5.34
C GLU A 34 -3.94 4.72 5.47
N LYS A 35 -4.53 5.24 4.40
CA LYS A 35 -5.93 5.66 4.42
C LYS A 35 -6.86 4.48 4.16
N ALA A 36 -6.27 3.34 3.82
CA ALA A 36 -7.05 2.14 3.52
C ALA A 36 -7.79 1.65 4.76
N LYS A 37 -8.87 0.90 4.53
CA LYS A 37 -9.66 0.35 5.63
C LYS A 37 -9.60 -1.17 5.65
N GLN A 38 -9.27 -1.76 4.51
CA GLN A 38 -9.16 -3.20 4.41
C GLN A 38 -7.84 -3.61 3.74
N VAL A 39 -7.40 -4.83 4.02
CA VAL A 39 -6.19 -5.37 3.42
C VAL A 39 -6.33 -5.47 1.90
N ALA A 40 -7.53 -5.82 1.45
CA ALA A 40 -7.82 -5.86 0.02
C ALA A 40 -7.63 -4.48 -0.62
N ALA A 41 -8.05 -3.44 0.10
CA ALA A 41 -7.86 -2.07 -0.36
C ALA A 41 -6.37 -1.71 -0.42
N VAL A 42 -5.62 -2.19 0.56
CA VAL A 42 -4.17 -2.00 0.57
C VAL A 42 -3.52 -2.61 -0.66
N GLU A 43 -3.93 -3.83 -0.98
CA GLU A 43 -3.38 -4.53 -2.14
C GLU A 43 -3.80 -3.86 -3.44
N ASP A 44 -5.04 -3.40 -3.50
CA ASP A 44 -5.55 -2.71 -4.68
C ASP A 44 -4.83 -1.39 -4.90
N LEU A 45 -4.54 -0.69 -3.81
CA LEU A 45 -3.80 0.57 -3.88
C LEU A 45 -2.38 0.35 -4.39
N LYS A 46 -1.73 -0.69 -3.86
CA LYS A 46 -0.40 -1.06 -4.32
C LYS A 46 -0.36 -1.27 -5.83
N ASP A 47 -1.31 -2.05 -6.33
CA ASP A 47 -1.35 -2.41 -7.74
C ASP A 47 -1.70 -1.20 -8.61
N GLU A 48 -2.68 -0.42 -8.15
CA GLU A 48 -3.16 0.72 -8.93
C GLU A 48 -2.13 1.84 -8.96
N ILE A 49 -1.48 2.08 -7.83
CA ILE A 49 -0.46 3.12 -7.74
C ILE A 49 0.79 2.73 -8.53
N LEU A 50 1.22 1.49 -8.37
CA LEU A 50 2.38 0.98 -9.09
C LEU A 50 2.15 1.01 -10.59
N LYS A 51 0.95 0.64 -11.02
CA LYS A 51 0.55 0.71 -12.42
C LYS A 51 0.52 2.15 -12.90
N ALA A 52 -0.03 3.04 -12.07
CA ALA A 52 -0.14 4.45 -12.42
C ALA A 52 1.24 5.04 -12.74
N HIS A 53 2.25 4.57 -12.04
CA HIS A 53 3.62 5.04 -12.26
C HIS A 53 4.35 4.16 -13.27
N ASP A 54 3.74 3.04 -13.62
CA ASP A 54 4.36 2.08 -14.53
C ASP A 54 5.73 1.66 -14.05
N ARG A 55 5.83 1.36 -12.75
CA ARG A 55 7.09 0.99 -12.14
C ARG A 55 7.12 -0.48 -11.77
N PHE A 56 6.24 -1.26 -12.38
CA PHE A 56 6.16 -2.70 -12.13
C PHE A 56 7.48 -3.39 -12.43
N ASN A 1 -0.07 3.14 11.38
CA ASN A 1 0.05 2.08 12.37
C ASN A 1 -0.80 2.38 13.60
N GLY A 2 -1.15 1.33 14.34
CA GLY A 2 -1.97 1.48 15.54
C GLY A 2 -3.45 1.50 15.20
N ASP A 3 -3.81 0.89 14.08
CA ASP A 3 -5.20 0.85 13.63
C ASP A 3 -6.04 -0.02 14.55
N LYS A 4 -7.32 0.32 14.67
CA LYS A 4 -8.24 -0.41 15.54
C LYS A 4 -8.62 -1.75 14.93
N GLY A 5 -9.01 -2.69 15.79
CA GLY A 5 -9.38 -4.03 15.33
C GLY A 5 -8.16 -4.94 15.25
N TYR A 6 -8.01 -5.63 14.13
CA TYR A 6 -6.89 -6.55 13.93
C TYR A 6 -5.65 -5.80 13.45
N ASN A 7 -4.49 -6.37 13.72
CA ASN A 7 -3.23 -5.75 13.35
C ASN A 7 -2.77 -6.23 11.98
N GLY A 8 -3.55 -7.11 11.37
CA GLY A 8 -3.24 -7.63 10.04
C GLY A 8 -3.28 -6.52 9.00
N LEU A 9 -4.17 -5.56 9.20
CA LEU A 9 -4.25 -4.39 8.31
C LEU A 9 -2.99 -3.55 8.41
N ALA A 10 -2.53 -3.32 9.63
CA ALA A 10 -1.31 -2.53 9.84
C ALA A 10 -0.09 -3.21 9.23
N GLU A 11 -0.05 -4.53 9.34
CA GLU A 11 1.03 -5.32 8.73
C GLU A 11 0.95 -5.28 7.22
N ALA A 12 -0.26 -5.34 6.68
CA ALA A 12 -0.47 -5.24 5.25
C ALA A 12 -0.03 -3.89 4.72
N LYS A 13 -0.35 -2.83 5.46
CA LYS A 13 0.04 -1.48 5.08
C LYS A 13 1.55 -1.32 5.11
N GLU A 14 2.18 -1.87 6.14
CA GLU A 14 3.63 -1.77 6.29
C GLU A 14 4.36 -2.41 5.10
N LYS A 15 3.95 -3.63 4.76
CA LYS A 15 4.61 -4.37 3.68
C LYS A 15 4.28 -3.76 2.32
N ALA A 16 3.10 -3.16 2.21
CA ALA A 16 2.69 -2.50 0.98
C ALA A 16 3.58 -1.29 0.68
N ILE A 17 3.78 -0.45 1.70
CA ILE A 17 4.57 0.76 1.53
C ILE A 17 6.07 0.45 1.55
N LYS A 18 6.41 -0.70 2.10
CA LYS A 18 7.80 -1.17 2.06
C LYS A 18 8.29 -1.33 0.63
N ASP A 19 7.54 -2.07 -0.17
CA ASP A 19 7.89 -2.29 -1.57
C ASP A 19 7.83 -0.97 -2.35
N LEU A 20 6.82 -0.17 -2.05
CA LEU A 20 6.59 1.08 -2.79
C LEU A 20 7.71 2.08 -2.52
N LYS A 21 8.24 2.07 -1.30
CA LYS A 21 9.36 2.92 -0.94
C LYS A 21 10.65 2.40 -1.57
N ILE A 22 10.75 1.08 -1.73
CA ILE A 22 11.84 0.48 -2.48
C ILE A 22 11.79 0.89 -3.95
N TYR A 23 10.59 0.96 -4.51
CA TYR A 23 10.41 1.42 -5.88
C TYR A 23 10.64 2.93 -5.98
N GLY A 24 10.40 3.64 -4.88
CA GLY A 24 10.76 5.05 -4.80
C GLY A 24 9.59 5.94 -5.17
N ILE A 25 8.37 5.47 -4.89
CA ILE A 25 7.17 6.26 -5.12
C ILE A 25 7.08 7.42 -4.14
N GLY A 26 6.46 8.51 -4.58
CA GLY A 26 6.31 9.69 -3.75
C GLY A 26 5.43 9.41 -2.53
N GLU A 27 5.57 10.25 -1.51
CA GLU A 27 4.86 10.04 -0.25
C GLU A 27 3.36 10.14 -0.43
N HIS A 28 2.94 10.92 -1.43
CA HIS A 28 1.53 11.04 -1.78
C HIS A 28 0.88 9.66 -1.92
N TYR A 29 1.59 8.74 -2.56
CA TYR A 29 1.06 7.42 -2.84
C TYR A 29 1.23 6.49 -1.64
N ILE A 30 2.25 6.76 -0.84
CA ILE A 30 2.43 6.05 0.43
C ILE A 30 1.30 6.36 1.40
N LYS A 31 0.81 7.59 1.36
CA LYS A 31 -0.29 8.01 2.23
C LYS A 31 -1.57 7.28 1.88
N LEU A 32 -1.76 6.99 0.59
CA LEU A 32 -2.94 6.27 0.14
C LEU A 32 -3.09 4.95 0.87
N ILE A 33 -2.00 4.21 1.00
CA ILE A 33 -2.00 2.94 1.71
C ILE A 33 -2.30 3.15 3.19
N GLU A 34 -1.67 4.16 3.77
CA GLU A 34 -1.84 4.45 5.20
C GLU A 34 -3.27 4.85 5.52
N LYS A 35 -3.96 5.41 4.53
CA LYS A 35 -5.31 5.92 4.72
C LYS A 35 -6.35 4.88 4.32
N ALA A 36 -5.89 3.69 3.96
CA ALA A 36 -6.77 2.60 3.61
C ALA A 36 -7.57 2.12 4.82
N LYS A 37 -8.73 1.52 4.55
CA LYS A 37 -9.61 1.05 5.60
C LYS A 37 -9.72 -0.47 5.60
N GLN A 38 -9.10 -1.09 4.61
CA GLN A 38 -9.21 -2.53 4.42
C GLN A 38 -8.01 -3.10 3.68
N VAL A 39 -7.62 -4.31 4.03
CA VAL A 39 -6.48 -4.97 3.40
C VAL A 39 -6.68 -5.07 1.90
N ALA A 40 -7.91 -5.35 1.48
CA ALA A 40 -8.26 -5.34 0.07
C ALA A 40 -7.95 -4.00 -0.58
N ALA A 41 -8.28 -2.93 0.12
CA ALA A 41 -7.98 -1.58 -0.35
C ALA A 41 -6.48 -1.34 -0.42
N VAL A 42 -5.75 -1.89 0.53
CA VAL A 42 -4.29 -1.80 0.54
C VAL A 42 -3.71 -2.44 -0.71
N GLU A 43 -4.21 -3.62 -1.06
CA GLU A 43 -3.73 -4.35 -2.23
C GLU A 43 -4.11 -3.64 -3.52
N ASP A 44 -5.35 -3.18 -3.58
CA ASP A 44 -5.86 -2.49 -4.77
C ASP A 44 -5.11 -1.18 -5.01
N LEU A 45 -4.89 -0.43 -3.93
CA LEU A 45 -4.15 0.82 -4.01
C LEU A 45 -2.71 0.58 -4.44
N LYS A 46 -2.07 -0.40 -3.82
CA LYS A 46 -0.68 -0.73 -4.14
C LYS A 46 -0.51 -1.00 -5.63
N ASP A 47 -1.46 -1.73 -6.21
CA ASP A 47 -1.43 -2.04 -7.63
C ASP A 47 -1.59 -0.77 -8.47
N GLU A 48 -2.56 0.06 -8.10
CA GLU A 48 -2.81 1.31 -8.81
C GLU A 48 -1.63 2.27 -8.66
N ILE A 49 -0.94 2.18 -7.53
CA ILE A 49 0.25 3.00 -7.30
C ILE A 49 1.40 2.55 -8.19
N LEU A 50 1.54 1.24 -8.38
CA LEU A 50 2.56 0.69 -9.26
C LEU A 50 2.25 1.01 -10.72
N LYS A 51 0.97 1.19 -11.03
CA LYS A 51 0.55 1.66 -12.34
C LYS A 51 0.97 3.11 -12.57
N ALA A 52 0.82 3.93 -11.52
CA ALA A 52 1.34 5.29 -11.56
C ALA A 52 2.86 5.31 -11.60
N HIS A 53 3.49 4.35 -10.94
CA HIS A 53 4.93 4.21 -10.95
C HIS A 53 5.43 3.73 -12.31
N ASP A 54 4.54 3.10 -13.07
CA ASP A 54 4.93 2.46 -14.32
C ASP A 54 5.81 1.24 -14.06
N ARG A 55 5.59 0.57 -12.94
CA ARG A 55 6.27 -0.68 -12.64
C ARG A 55 5.32 -1.86 -12.71
N PHE A 56 4.02 -1.57 -12.61
CA PHE A 56 3.00 -2.61 -12.70
C PHE A 56 3.21 -3.48 -13.93
N ASN A 1 -12.40 -10.93 5.10
CA ASN A 1 -11.28 -10.03 5.29
C ASN A 1 -11.66 -8.59 4.98
N GLY A 2 -10.98 -7.65 5.62
CA GLY A 2 -11.25 -6.23 5.41
C GLY A 2 -12.27 -5.70 6.40
N ASP A 3 -12.40 -6.40 7.53
CA ASP A 3 -13.35 -6.00 8.57
C ASP A 3 -12.86 -4.75 9.30
N LYS A 4 -13.79 -4.06 9.96
CA LYS A 4 -13.43 -2.91 10.78
C LYS A 4 -12.51 -3.31 11.92
N GLY A 5 -11.29 -2.81 11.88
CA GLY A 5 -10.27 -3.17 12.87
C GLY A 5 -9.56 -4.46 12.47
N TYR A 6 -9.51 -4.73 11.16
CA TYR A 6 -8.92 -5.96 10.66
C TYR A 6 -7.50 -6.14 11.21
N ASN A 7 -7.28 -7.26 11.89
CA ASN A 7 -5.95 -7.61 12.38
C ASN A 7 -5.05 -8.05 11.24
N GLY A 8 -3.87 -7.45 11.15
CA GLY A 8 -2.95 -7.70 10.05
C GLY A 8 -3.04 -6.61 9.00
N LEU A 9 -3.94 -5.65 9.21
CA LEU A 9 -4.09 -4.53 8.30
C LEU A 9 -2.84 -3.66 8.29
N ALA A 10 -2.34 -3.32 9.47
CA ALA A 10 -1.14 -2.52 9.60
C ALA A 10 0.06 -3.23 8.99
N GLU A 11 0.09 -4.55 9.12
CA GLU A 11 1.15 -5.36 8.53
C GLU A 11 1.08 -5.32 7.01
N ALA A 12 -0.12 -5.38 6.47
CA ALA A 12 -0.33 -5.27 5.03
C ALA A 12 0.08 -3.90 4.52
N LYS A 13 -0.23 -2.87 5.29
CA LYS A 13 0.17 -1.51 4.95
C LYS A 13 1.69 -1.36 4.99
N GLU A 14 2.32 -2.00 5.95
CA GLU A 14 3.77 -1.97 6.08
C GLU A 14 4.44 -2.60 4.87
N LYS A 15 3.93 -3.76 4.46
CA LYS A 15 4.50 -4.49 3.33
C LYS A 15 4.28 -3.74 2.02
N ALA A 16 3.10 -3.17 1.87
CA ALA A 16 2.77 -2.40 0.67
C ALA A 16 3.64 -1.16 0.56
N ILE A 17 3.78 -0.44 1.67
CA ILE A 17 4.59 0.78 1.70
C ILE A 17 6.07 0.45 1.56
N LYS A 18 6.48 -0.67 2.15
CA LYS A 18 7.86 -1.12 2.04
C LYS A 18 8.31 -1.21 0.58
N ASP A 19 7.51 -1.89 -0.23
CA ASP A 19 7.82 -2.02 -1.65
C ASP A 19 7.78 -0.66 -2.36
N LEU A 20 6.83 0.17 -1.98
CA LEU A 20 6.70 1.51 -2.54
C LEU A 20 7.95 2.34 -2.25
N LYS A 21 8.50 2.16 -1.06
CA LYS A 21 9.71 2.89 -0.66
C LYS A 21 10.94 2.31 -1.33
N ILE A 22 10.91 1.00 -1.61
CA ILE A 22 11.96 0.36 -2.38
C ILE A 22 12.03 0.91 -3.80
N TYR A 23 10.85 1.16 -4.37
CA TYR A 23 10.77 1.77 -5.70
C TYR A 23 11.08 3.26 -5.63
N GLY A 24 10.81 3.87 -4.48
CA GLY A 24 11.15 5.27 -4.25
C GLY A 24 10.01 6.20 -4.67
N ILE A 25 8.78 5.71 -4.51
CA ILE A 25 7.61 6.49 -4.89
C ILE A 25 7.39 7.67 -3.96
N GLY A 26 6.75 8.71 -4.46
CA GLY A 26 6.47 9.90 -3.66
C GLY A 26 5.57 9.55 -2.48
N GLU A 27 5.68 10.34 -1.41
CA GLU A 27 4.96 10.05 -0.17
C GLU A 27 3.45 10.18 -0.38
N HIS A 28 3.06 10.94 -1.39
CA HIS A 28 1.64 11.08 -1.75
C HIS A 28 0.98 9.71 -1.89
N TYR A 29 1.68 8.77 -2.51
CA TYR A 29 1.12 7.46 -2.79
C TYR A 29 1.29 6.53 -1.60
N ILE A 30 2.31 6.77 -0.79
CA ILE A 30 2.48 6.08 0.49
C ILE A 30 1.34 6.40 1.45
N LYS A 31 0.88 7.65 1.42
CA LYS A 31 -0.20 8.09 2.27
C LYS A 31 -1.51 7.40 1.90
N LEU A 32 -1.68 7.11 0.62
CA LEU A 32 -2.86 6.40 0.14
C LEU A 32 -3.02 5.06 0.84
N ILE A 33 -1.91 4.33 0.98
CA ILE A 33 -1.92 3.05 1.68
C ILE A 33 -2.22 3.25 3.17
N GLU A 34 -1.64 4.30 3.74
CA GLU A 34 -1.85 4.61 5.16
C GLU A 34 -3.30 4.95 5.44
N LYS A 35 -3.96 5.55 4.45
CA LYS A 35 -5.32 6.04 4.65
C LYS A 35 -6.35 5.00 4.24
N ALA A 36 -5.88 3.80 3.91
CA ALA A 36 -6.77 2.69 3.60
C ALA A 36 -7.53 2.22 4.83
N LYS A 37 -8.69 1.62 4.61
CA LYS A 37 -9.55 1.18 5.70
C LYS A 37 -9.67 -0.34 5.72
N GLN A 38 -9.40 -0.97 4.57
CA GLN A 38 -9.51 -2.42 4.45
C GLN A 38 -8.23 -3.02 3.90
N VAL A 39 -7.98 -4.28 4.23
CA VAL A 39 -6.83 -5.00 3.70
C VAL A 39 -6.96 -5.22 2.21
N ALA A 40 -8.20 -5.28 1.72
CA ALA A 40 -8.45 -5.29 0.29
C ALA A 40 -8.15 -3.95 -0.36
N ALA A 41 -8.44 -2.87 0.37
CA ALA A 41 -8.16 -1.53 -0.10
C ALA A 41 -6.66 -1.29 -0.22
N VAL A 42 -5.90 -1.86 0.71
CA VAL A 42 -4.45 -1.77 0.67
C VAL A 42 -3.89 -2.41 -0.60
N GLU A 43 -4.38 -3.61 -0.91
CA GLU A 43 -3.92 -4.34 -2.08
C GLU A 43 -4.38 -3.67 -3.37
N ASP A 44 -5.62 -3.21 -3.38
CA ASP A 44 -6.19 -2.55 -4.54
C ASP A 44 -5.46 -1.25 -4.85
N LEU A 45 -5.14 -0.50 -3.81
CA LEU A 45 -4.36 0.72 -3.94
C LEU A 45 -2.95 0.43 -4.44
N LYS A 46 -2.28 -0.52 -3.79
CA LYS A 46 -0.90 -0.85 -4.11
C LYS A 46 -0.74 -1.14 -5.60
N ASP A 47 -1.65 -1.96 -6.14
CA ASP A 47 -1.56 -2.37 -7.53
C ASP A 47 -1.68 -1.18 -8.48
N GLU A 48 -2.71 -0.36 -8.25
CA GLU A 48 -2.98 0.77 -9.12
C GLU A 48 -1.93 1.87 -8.93
N ILE A 49 -1.41 1.98 -7.72
CA ILE A 49 -0.33 2.92 -7.43
C ILE A 49 0.94 2.55 -8.19
N LEU A 50 1.27 1.26 -8.18
CA LEU A 50 2.45 0.77 -8.88
C LEU A 50 2.31 0.94 -10.38
N LYS A 51 1.10 0.78 -10.88
CA LYS A 51 0.81 1.00 -12.29
C LYS A 51 1.06 2.46 -12.69
N ALA A 52 0.62 3.37 -11.83
CA ALA A 52 0.86 4.79 -12.04
C ALA A 52 2.35 5.11 -11.95
N HIS A 53 3.05 4.41 -11.07
CA HIS A 53 4.47 4.63 -10.88
C HIS A 53 5.27 4.02 -12.03
N ASP A 54 4.64 3.14 -12.80
CA ASP A 54 5.34 2.37 -13.81
C ASP A 54 6.34 1.41 -13.17
N ARG A 55 5.94 0.79 -12.07
CA ARG A 55 6.79 -0.19 -11.40
C ARG A 55 6.04 -1.49 -11.15
N PHE A 56 4.78 -1.54 -11.58
CA PHE A 56 3.95 -2.71 -11.40
C PHE A 56 4.56 -3.92 -12.12
N ASN A 1 10.40 -4.79 9.55
CA ASN A 1 9.12 -4.74 8.84
C ASN A 1 9.19 -5.51 7.54
N GLY A 2 8.05 -6.05 7.12
CA GLY A 2 7.96 -6.75 5.83
C GLY A 2 8.08 -8.26 6.02
N ASP A 3 7.84 -8.72 7.24
CA ASP A 3 7.93 -10.14 7.55
C ASP A 3 6.73 -10.90 7.01
N LYS A 4 6.87 -12.21 6.85
CA LYS A 4 5.79 -13.06 6.38
C LYS A 4 4.81 -13.39 7.51
N GLY A 5 3.57 -13.68 7.14
CA GLY A 5 2.55 -14.05 8.12
C GLY A 5 1.73 -12.83 8.54
N TYR A 6 1.83 -11.76 7.76
CA TYR A 6 1.07 -10.55 8.02
C TYR A 6 -0.42 -10.76 7.74
N ASN A 7 -1.23 -10.67 8.79
CA ASN A 7 -2.66 -10.89 8.67
C ASN A 7 -3.46 -9.66 9.07
N GLY A 8 -2.82 -8.76 9.83
CA GLY A 8 -3.47 -7.56 10.31
C GLY A 8 -3.50 -6.47 9.24
N LEU A 9 -4.33 -5.46 9.45
CA LEU A 9 -4.44 -4.35 8.52
C LEU A 9 -3.15 -3.53 8.49
N ALA A 10 -2.73 -3.05 9.66
CA ALA A 10 -1.51 -2.27 9.77
C ALA A 10 -0.31 -3.07 9.31
N GLU A 11 -0.33 -4.38 9.57
CA GLU A 11 0.73 -5.27 9.11
C GLU A 11 0.81 -5.28 7.59
N ALA A 12 -0.34 -5.39 6.94
CA ALA A 12 -0.41 -5.37 5.49
C ALA A 12 0.02 -4.02 4.93
N LYS A 13 -0.33 -2.96 5.65
CA LYS A 13 0.05 -1.61 5.24
C LYS A 13 1.56 -1.43 5.24
N GLU A 14 2.22 -2.00 6.25
CA GLU A 14 3.66 -1.83 6.42
C GLU A 14 4.43 -2.47 5.27
N LYS A 15 4.03 -3.68 4.90
CA LYS A 15 4.73 -4.43 3.86
C LYS A 15 4.39 -3.91 2.47
N ALA A 16 3.12 -3.55 2.27
CA ALA A 16 2.68 -2.96 1.03
C ALA A 16 3.42 -1.65 0.74
N ILE A 17 3.54 -0.82 1.76
CA ILE A 17 4.25 0.45 1.63
C ILE A 17 5.75 0.23 1.47
N LYS A 18 6.28 -0.73 2.22
CA LYS A 18 7.69 -1.07 2.12
C LYS A 18 8.10 -1.35 0.68
N ASP A 19 7.32 -2.20 0.00
CA ASP A 19 7.61 -2.56 -1.38
C ASP A 19 7.57 -1.34 -2.28
N LEU A 20 6.59 -0.47 -2.05
CA LEU A 20 6.43 0.74 -2.86
C LEU A 20 7.61 1.68 -2.65
N LYS A 21 8.12 1.74 -1.43
CA LYS A 21 9.30 2.53 -1.12
C LYS A 21 10.53 1.98 -1.84
N ILE A 22 10.58 0.67 -2.02
CA ILE A 22 11.63 0.03 -2.79
C ILE A 22 11.55 0.40 -4.27
N TYR A 23 10.32 0.46 -4.79
CA TYR A 23 10.10 0.80 -6.18
C TYR A 23 10.42 2.27 -6.45
N GLY A 24 10.23 3.10 -5.42
CA GLY A 24 10.56 4.52 -5.52
C GLY A 24 9.31 5.38 -5.49
N ILE A 25 8.26 4.88 -4.84
CA ILE A 25 7.01 5.61 -4.70
C ILE A 25 7.12 6.67 -3.62
N GLY A 26 6.64 7.88 -3.92
CA GLY A 26 6.73 9.00 -3.00
C GLY A 26 5.64 8.94 -1.94
N GLU A 27 5.73 9.81 -0.95
CA GLU A 27 4.80 9.80 0.17
C GLU A 27 3.39 10.14 -0.27
N HIS A 28 3.28 10.92 -1.35
CA HIS A 28 1.99 11.33 -1.87
C HIS A 28 1.07 10.14 -2.05
N TYR A 29 1.63 9.02 -2.52
CA TYR A 29 0.84 7.83 -2.80
C TYR A 29 0.83 6.89 -1.59
N ILE A 30 1.92 6.90 -0.85
CA ILE A 30 2.03 6.07 0.35
C ILE A 30 0.94 6.38 1.35
N LYS A 31 0.54 7.65 1.39
CA LYS A 31 -0.51 8.10 2.31
C LYS A 31 -1.82 7.38 2.04
N LEU A 32 -2.03 6.99 0.79
CA LEU A 32 -3.26 6.32 0.39
C LEU A 32 -3.45 5.02 1.16
N ILE A 33 -2.42 4.18 1.16
CA ILE A 33 -2.47 2.91 1.88
C ILE A 33 -2.55 3.13 3.38
N GLU A 34 -1.88 4.17 3.88
CA GLU A 34 -1.92 4.51 5.29
C GLU A 34 -3.33 4.81 5.74
N LYS A 35 -4.14 5.34 4.83
CA LYS A 35 -5.50 5.75 5.17
C LYS A 35 -6.51 4.69 4.75
N ALA A 36 -6.01 3.54 4.31
CA ALA A 36 -6.87 2.44 3.91
C ALA A 36 -7.67 1.89 5.07
N LYS A 37 -8.87 1.39 4.78
CA LYS A 37 -9.77 0.90 5.82
C LYS A 37 -9.78 -0.62 5.87
N GLN A 38 -9.16 -1.25 4.88
CA GLN A 38 -9.11 -2.71 4.80
C GLN A 38 -7.97 -3.17 3.92
N VAL A 39 -7.57 -4.43 4.10
CA VAL A 39 -6.42 -4.98 3.38
C VAL A 39 -6.69 -5.04 1.88
N ALA A 40 -7.95 -5.27 1.52
CA ALA A 40 -8.37 -5.22 0.13
C ALA A 40 -8.05 -3.87 -0.51
N ALA A 41 -8.29 -2.81 0.25
CA ALA A 41 -7.96 -1.46 -0.21
C ALA A 41 -6.44 -1.26 -0.26
N VAL A 42 -5.74 -1.85 0.70
CA VAL A 42 -4.28 -1.79 0.73
C VAL A 42 -3.68 -2.39 -0.53
N GLU A 43 -4.20 -3.55 -0.94
CA GLU A 43 -3.67 -4.25 -2.11
C GLU A 43 -4.05 -3.54 -3.40
N ASP A 44 -5.31 -3.10 -3.48
CA ASP A 44 -5.80 -2.39 -4.65
C ASP A 44 -5.04 -1.08 -4.86
N LEU A 45 -4.83 -0.34 -3.77
CA LEU A 45 -4.06 0.90 -3.83
C LEU A 45 -2.61 0.62 -4.20
N LYS A 46 -2.03 -0.39 -3.55
CA LYS A 46 -0.64 -0.76 -3.82
C LYS A 46 -0.40 -0.95 -5.31
N ASP A 47 -1.28 -1.72 -5.96
CA ASP A 47 -1.13 -2.03 -7.38
C ASP A 47 -1.30 -0.77 -8.24
N GLU A 48 -2.38 -0.04 -7.99
CA GLU A 48 -2.70 1.14 -8.78
C GLU A 48 -1.64 2.23 -8.60
N ILE A 49 -1.08 2.31 -7.40
CA ILE A 49 0.00 3.25 -7.12
C ILE A 49 1.25 2.90 -7.92
N LEU A 50 1.59 1.62 -7.93
CA LEU A 50 2.75 1.15 -8.68
C LEU A 50 2.56 1.35 -10.18
N LYS A 51 1.33 1.18 -10.65
CA LYS A 51 1.00 1.42 -12.05
C LYS A 51 1.26 2.87 -12.42
N ALA A 52 0.88 3.79 -11.54
CA ALA A 52 1.16 5.20 -11.73
C ALA A 52 2.66 5.47 -11.70
N HIS A 53 3.36 4.77 -10.82
CA HIS A 53 4.81 4.89 -10.72
C HIS A 53 5.51 4.41 -11.99
N ASP A 54 4.95 3.36 -12.59
CA ASP A 54 5.53 2.78 -13.79
C ASP A 54 5.29 3.68 -15.01
N ARG A 55 4.40 4.64 -14.86
CA ARG A 55 4.15 5.62 -15.90
C ARG A 55 5.21 6.71 -15.91
N PHE A 56 5.98 6.79 -16.99
CA PHE A 56 7.01 7.81 -17.14
C PHE A 56 6.72 8.70 -18.34
N ASN A 1 -12.77 -9.52 4.55
CA ASN A 1 -12.51 -9.02 5.89
C ASN A 1 -12.98 -10.00 6.94
N GLY A 2 -12.03 -10.63 7.64
CA GLY A 2 -12.35 -11.61 8.66
C GLY A 2 -12.28 -13.03 8.09
N ASP A 3 -11.73 -13.15 6.89
CA ASP A 3 -11.58 -14.46 6.26
C ASP A 3 -10.50 -15.29 6.96
N LYS A 4 -10.55 -16.60 6.74
CA LYS A 4 -9.54 -17.50 7.30
C LYS A 4 -8.15 -17.13 6.81
N GLY A 5 -7.31 -16.68 7.72
CA GLY A 5 -5.94 -16.29 7.39
C GLY A 5 -5.85 -14.83 7.02
N TYR A 6 -6.92 -14.09 7.28
CA TYR A 6 -6.95 -12.65 7.01
C TYR A 6 -5.87 -11.93 7.81
N ASN A 7 -4.97 -11.26 7.11
CA ASN A 7 -3.88 -10.53 7.75
C ASN A 7 -4.39 -9.23 8.37
N GLY A 8 -3.60 -8.66 9.27
CA GLY A 8 -3.93 -7.37 9.88
C GLY A 8 -3.79 -6.24 8.87
N LEU A 9 -4.54 -5.17 9.09
CA LEU A 9 -4.52 -4.02 8.19
C LEU A 9 -3.15 -3.34 8.20
N ALA A 10 -2.65 -3.06 9.40
CA ALA A 10 -1.34 -2.43 9.54
C ALA A 10 -0.24 -3.36 9.05
N GLU A 11 -0.45 -4.67 9.22
CA GLU A 11 0.51 -5.66 8.73
C GLU A 11 0.64 -5.61 7.21
N ALA A 12 -0.49 -5.51 6.52
CA ALA A 12 -0.50 -5.38 5.07
C ALA A 12 0.14 -4.08 4.62
N LYS A 13 -0.18 -3.00 5.32
CA LYS A 13 0.34 -1.68 4.99
C LYS A 13 1.84 -1.61 5.22
N GLU A 14 2.31 -2.32 6.25
CA GLU A 14 3.73 -2.34 6.57
C GLU A 14 4.56 -2.88 5.41
N LYS A 15 4.17 -4.05 4.92
CA LYS A 15 4.91 -4.70 3.84
C LYS A 15 4.66 -4.02 2.51
N ALA A 16 3.44 -3.53 2.31
CA ALA A 16 3.06 -2.87 1.07
C ALA A 16 3.83 -1.56 0.89
N ILE A 17 3.83 -0.74 1.95
CA ILE A 17 4.54 0.54 1.92
C ILE A 17 6.04 0.33 1.77
N LYS A 18 6.57 -0.67 2.47
CA LYS A 18 7.96 -1.06 2.32
C LYS A 18 8.31 -1.32 0.86
N ASP A 19 7.48 -2.12 0.19
CA ASP A 19 7.69 -2.44 -1.21
C ASP A 19 7.57 -1.19 -2.09
N LEU A 20 6.59 -0.36 -1.77
CA LEU A 20 6.37 0.88 -2.53
C LEU A 20 7.59 1.79 -2.45
N LYS A 21 8.18 1.88 -1.28
CA LYS A 21 9.40 2.66 -1.10
C LYS A 21 10.57 2.05 -1.88
N ILE A 22 10.60 0.72 -1.92
CA ILE A 22 11.59 0.02 -2.75
C ILE A 22 11.36 0.30 -4.23
N TYR A 23 10.10 0.50 -4.60
CA TYR A 23 9.73 0.73 -5.99
C TYR A 23 10.04 2.16 -6.42
N GLY A 24 10.31 3.01 -5.44
CA GLY A 24 10.65 4.41 -5.71
C GLY A 24 9.42 5.30 -5.64
N ILE A 25 8.41 4.84 -4.90
CA ILE A 25 7.17 5.59 -4.75
C ILE A 25 7.32 6.73 -3.75
N GLY A 26 6.87 7.91 -4.13
CA GLY A 26 7.00 9.10 -3.29
C GLY A 26 5.98 9.08 -2.15
N GLU A 27 6.21 9.90 -1.14
CA GLU A 27 5.38 9.92 0.05
C GLU A 27 3.93 10.27 -0.30
N HIS A 28 3.76 11.18 -1.26
CA HIS A 28 2.43 11.60 -1.67
C HIS A 28 1.54 10.41 -2.00
N TYR A 29 2.10 9.44 -2.72
CA TYR A 29 1.35 8.26 -3.12
C TYR A 29 1.31 7.22 -2.00
N ILE A 30 2.36 7.21 -1.18
CA ILE A 30 2.38 6.34 0.00
C ILE A 30 1.29 6.70 0.98
N LYS A 31 0.91 7.97 1.01
CA LYS A 31 -0.17 8.44 1.86
C LYS A 31 -1.50 7.81 1.46
N LEU A 32 -1.63 7.49 0.18
CA LEU A 32 -2.86 6.90 -0.34
C LEU A 32 -3.12 5.54 0.29
N ILE A 33 -2.13 4.66 0.22
CA ILE A 33 -2.28 3.29 0.71
C ILE A 33 -2.44 3.25 2.22
N GLU A 34 -2.01 4.33 2.88
CA GLU A 34 -2.16 4.44 4.32
C GLU A 34 -3.61 4.67 4.71
N LYS A 35 -4.44 5.05 3.74
CA LYS A 35 -5.82 5.39 4.00
C LYS A 35 -6.74 4.19 3.78
N ALA A 36 -6.13 3.04 3.49
CA ALA A 36 -6.89 1.82 3.25
C ALA A 36 -7.63 1.37 4.51
N LYS A 37 -8.73 0.65 4.31
CA LYS A 37 -9.53 0.16 5.43
C LYS A 37 -9.42 -1.35 5.56
N GLN A 38 -9.21 -2.03 4.43
CA GLN A 38 -9.07 -3.47 4.42
C GLN A 38 -7.77 -3.90 3.74
N VAL A 39 -7.32 -5.11 4.03
CA VAL A 39 -6.13 -5.67 3.41
C VAL A 39 -6.27 -5.72 1.89
N ALA A 40 -7.48 -6.05 1.43
CA ALA A 40 -7.79 -6.02 0.01
C ALA A 40 -7.61 -4.61 -0.56
N ALA A 41 -8.07 -3.61 0.20
CA ALA A 41 -7.93 -2.22 -0.21
C ALA A 41 -6.47 -1.80 -0.25
N VAL A 42 -5.67 -2.34 0.67
CA VAL A 42 -4.24 -2.10 0.68
C VAL A 42 -3.58 -2.59 -0.61
N GLU A 43 -3.90 -3.82 -0.99
CA GLU A 43 -3.32 -4.41 -2.20
C GLU A 43 -3.85 -3.70 -3.45
N ASP A 44 -5.11 -3.29 -3.41
CA ASP A 44 -5.71 -2.57 -4.53
C ASP A 44 -5.01 -1.24 -4.77
N LEU A 45 -4.80 -0.49 -3.69
CA LEU A 45 -4.13 0.81 -3.78
C LEU A 45 -2.66 0.64 -4.11
N LYS A 46 -2.06 -0.44 -3.61
CA LYS A 46 -0.67 -0.77 -3.93
C LYS A 46 -0.48 -0.88 -5.44
N ASP A 47 -1.39 -1.57 -6.10
CA ASP A 47 -1.33 -1.74 -7.55
C ASP A 47 -1.63 -0.44 -8.27
N GLU A 48 -2.63 0.29 -7.77
CA GLU A 48 -3.07 1.53 -8.42
C GLU A 48 -1.98 2.59 -8.39
N ILE A 49 -1.21 2.60 -7.31
CA ILE A 49 -0.08 3.53 -7.18
C ILE A 49 0.96 3.28 -8.27
N LEU A 50 1.27 2.01 -8.50
CA LEU A 50 2.21 1.63 -9.55
C LEU A 50 1.66 1.95 -10.93
N LYS A 51 0.35 1.76 -11.09
CA LYS A 51 -0.33 2.10 -12.34
C LYS A 51 -0.35 3.60 -12.58
N ALA A 52 -0.39 4.36 -11.49
CA ALA A 52 -0.41 5.82 -11.58
C ALA A 52 0.90 6.33 -12.17
N HIS A 53 1.98 5.60 -11.96
CA HIS A 53 3.29 5.98 -12.49
C HIS A 53 3.57 5.30 -13.82
N ASP A 54 2.61 4.51 -14.29
CA ASP A 54 2.78 3.73 -15.50
C ASP A 54 4.00 2.80 -15.40
N ARG A 55 4.17 2.20 -14.22
CA ARG A 55 5.28 1.29 -13.99
C ARG A 55 4.81 0.03 -13.28
N PHE A 56 3.53 -0.31 -13.47
CA PHE A 56 2.97 -1.53 -12.91
C PHE A 56 3.43 -2.75 -13.68
N ASN A 1 -13.03 -6.85 7.55
CA ASN A 1 -11.58 -6.73 7.40
C ASN A 1 -11.10 -5.36 7.85
N GLY A 2 -10.36 -5.33 8.95
CA GLY A 2 -9.79 -4.08 9.45
C GLY A 2 -10.85 -3.22 10.11
N ASP A 3 -11.92 -3.86 10.59
CA ASP A 3 -13.05 -3.14 11.17
C ASP A 3 -12.92 -3.02 12.68
N LYS A 4 -12.27 -4.01 13.29
CA LYS A 4 -12.08 -4.02 14.74
C LYS A 4 -10.69 -3.54 15.13
N GLY A 5 -9.95 -3.05 14.14
CA GLY A 5 -8.58 -2.58 14.35
C GLY A 5 -7.60 -3.74 14.32
N TYR A 6 -7.71 -4.57 13.30
CA TYR A 6 -6.89 -5.78 13.19
C TYR A 6 -5.43 -5.42 12.91
N ASN A 7 -4.51 -6.17 13.52
CA ASN A 7 -3.08 -5.95 13.32
C ASN A 7 -2.63 -6.41 11.95
N GLY A 8 -3.41 -7.32 11.36
CA GLY A 8 -3.11 -7.81 10.01
C GLY A 8 -3.18 -6.68 8.99
N LEU A 9 -4.07 -5.73 9.22
CA LEU A 9 -4.18 -4.54 8.36
C LEU A 9 -2.92 -3.69 8.45
N ALA A 10 -2.47 -3.44 9.67
CA ALA A 10 -1.26 -2.65 9.89
C ALA A 10 -0.05 -3.30 9.24
N GLU A 11 0.04 -4.62 9.36
CA GLU A 11 1.13 -5.38 8.74
C GLU A 11 1.05 -5.32 7.23
N ALA A 12 -0.17 -5.40 6.69
CA ALA A 12 -0.39 -5.30 5.26
C ALA A 12 0.04 -3.94 4.73
N LYS A 13 -0.25 -2.90 5.50
CA LYS A 13 0.13 -1.54 5.12
C LYS A 13 1.64 -1.38 5.11
N GLU A 14 2.31 -1.98 6.09
CA GLU A 14 3.76 -1.92 6.19
C GLU A 14 4.42 -2.61 5.01
N LYS A 15 3.86 -3.74 4.60
CA LYS A 15 4.40 -4.49 3.48
C LYS A 15 4.20 -3.76 2.16
N ALA A 16 3.01 -3.22 1.98
CA ALA A 16 2.67 -2.48 0.76
C ALA A 16 3.51 -1.21 0.64
N ILE A 17 3.64 -0.47 1.74
CA ILE A 17 4.42 0.75 1.75
C ILE A 17 5.89 0.47 1.54
N LYS A 18 6.39 -0.60 2.15
CA LYS A 18 7.75 -1.06 1.92
C LYS A 18 8.02 -1.26 0.43
N ASP A 19 7.13 -1.99 -0.23
CA ASP A 19 7.25 -2.21 -1.67
C ASP A 19 7.26 -0.91 -2.43
N LEU A 20 6.32 -0.02 -2.10
CA LEU A 20 6.23 1.28 -2.76
C LEU A 20 7.53 2.05 -2.66
N LYS A 21 8.13 2.05 -1.47
CA LYS A 21 9.40 2.75 -1.25
C LYS A 21 10.52 2.12 -2.07
N ILE A 22 10.46 0.81 -2.22
CA ILE A 22 11.45 0.08 -3.02
C ILE A 22 11.41 0.52 -4.47
N TYR A 23 10.20 0.82 -4.96
CA TYR A 23 10.01 1.22 -6.34
C TYR A 23 10.24 2.72 -6.53
N GLY A 24 10.47 3.41 -5.42
CA GLY A 24 10.78 4.85 -5.46
C GLY A 24 9.49 5.67 -5.49
N ILE A 25 8.42 5.12 -4.93
CA ILE A 25 7.15 5.82 -4.88
C ILE A 25 7.14 6.88 -3.77
N GLY A 26 6.61 8.05 -4.09
CA GLY A 26 6.67 9.19 -3.18
C GLY A 26 5.66 9.05 -2.05
N GLU A 27 5.75 9.93 -1.06
CA GLU A 27 4.90 9.86 0.12
C GLU A 27 3.44 10.15 -0.23
N HIS A 28 3.24 10.95 -1.28
CA HIS A 28 1.89 11.28 -1.74
C HIS A 28 1.05 10.03 -1.92
N TYR A 29 1.67 8.96 -2.44
CA TYR A 29 0.96 7.73 -2.73
C TYR A 29 1.04 6.76 -1.56
N ILE A 30 2.11 6.86 -0.79
CA ILE A 30 2.26 6.08 0.43
C ILE A 30 1.14 6.38 1.41
N LYS A 31 0.69 7.63 1.42
CA LYS A 31 -0.39 8.05 2.31
C LYS A 31 -1.68 7.32 1.99
N LEU A 32 -1.86 6.97 0.72
CA LEU A 32 -3.05 6.24 0.28
C LEU A 32 -3.17 4.90 1.01
N ILE A 33 -2.04 4.24 1.21
CA ILE A 33 -2.02 2.97 1.93
C ILE A 33 -2.25 3.18 3.42
N GLU A 34 -1.67 4.24 3.97
CA GLU A 34 -1.84 4.57 5.38
C GLU A 34 -3.30 4.89 5.68
N LYS A 35 -4.01 5.42 4.70
CA LYS A 35 -5.39 5.86 4.89
C LYS A 35 -6.38 4.77 4.49
N ALA A 36 -5.84 3.61 4.14
CA ALA A 36 -6.68 2.46 3.78
C ALA A 36 -7.44 1.94 4.99
N LYS A 37 -8.57 1.28 4.74
CA LYS A 37 -9.44 0.81 5.81
C LYS A 37 -9.45 -0.70 5.89
N GLN A 38 -9.01 -1.35 4.82
CA GLN A 38 -8.99 -2.81 4.74
C GLN A 38 -7.86 -3.31 3.87
N VAL A 39 -7.45 -4.56 4.09
CA VAL A 39 -6.32 -5.13 3.38
C VAL A 39 -6.55 -5.15 1.88
N ALA A 40 -7.80 -5.40 1.48
CA ALA A 40 -8.18 -5.35 0.08
C ALA A 40 -7.85 -4.01 -0.54
N ALA A 41 -8.15 -2.93 0.19
CA ALA A 41 -7.83 -1.59 -0.27
C ALA A 41 -6.32 -1.38 -0.34
N VAL A 42 -5.60 -1.93 0.63
CA VAL A 42 -4.15 -1.83 0.66
C VAL A 42 -3.52 -2.42 -0.59
N GLU A 43 -3.99 -3.61 -0.97
CA GLU A 43 -3.44 -4.30 -2.13
C GLU A 43 -3.85 -3.62 -3.43
N ASP A 44 -5.10 -3.20 -3.50
CA ASP A 44 -5.62 -2.54 -4.69
C ASP A 44 -4.94 -1.19 -4.92
N LEU A 45 -4.76 -0.44 -3.84
CA LEU A 45 -4.10 0.85 -3.91
C LEU A 45 -2.63 0.71 -4.32
N LYS A 46 -1.95 -0.26 -3.73
CA LYS A 46 -0.54 -0.48 -4.00
C LYS A 46 -0.31 -0.81 -5.46
N ASP A 47 -1.12 -1.71 -6.01
CA ASP A 47 -1.00 -2.11 -7.40
C ASP A 47 -1.37 -0.96 -8.33
N GLU A 48 -2.41 -0.22 -7.99
CA GLU A 48 -2.83 0.93 -8.77
C GLU A 48 -1.75 2.01 -8.78
N ILE A 49 -1.19 2.30 -7.61
CA ILE A 49 -0.13 3.29 -7.49
C ILE A 49 1.05 2.95 -8.39
N LEU A 50 1.48 1.70 -8.36
CA LEU A 50 2.63 1.26 -9.14
C LEU A 50 2.33 1.28 -10.62
N LYS A 51 1.19 0.71 -11.00
CA LYS A 51 0.81 0.60 -12.41
C LYS A 51 0.59 1.98 -13.02
N ALA A 52 0.24 2.95 -12.18
CA ALA A 52 0.00 4.31 -12.64
C ALA A 52 1.24 4.91 -13.26
N HIS A 53 2.41 4.52 -12.75
CA HIS A 53 3.67 5.10 -13.20
C HIS A 53 4.59 4.03 -13.76
N ASP A 54 4.03 2.90 -14.13
CA ASP A 54 4.79 1.80 -14.70
C ASP A 54 5.90 1.35 -13.76
N ARG A 55 5.63 1.41 -12.46
CA ARG A 55 6.57 0.92 -11.46
C ARG A 55 6.19 -0.46 -10.97
N PHE A 56 5.19 -1.06 -11.60
CA PHE A 56 4.71 -2.38 -11.22
C PHE A 56 5.69 -3.47 -11.63
N ASN A 1 6.26 -6.23 -8.63
CA ASN A 1 5.05 -6.76 -8.03
C ASN A 1 5.13 -6.76 -6.51
N GLY A 2 4.34 -5.89 -5.87
CA GLY A 2 4.33 -5.80 -4.42
C GLY A 2 3.83 -7.09 -3.79
N ASP A 3 4.31 -7.37 -2.58
CA ASP A 3 4.04 -8.65 -1.93
C ASP A 3 2.60 -8.72 -1.45
N LYS A 4 2.09 -9.94 -1.31
CA LYS A 4 0.73 -10.16 -0.81
C LYS A 4 0.58 -9.62 0.61
N GLY A 5 -0.56 -9.00 0.88
CA GLY A 5 -0.80 -8.37 2.17
C GLY A 5 -1.04 -9.41 3.26
N TYR A 6 -0.80 -9.02 4.51
CA TYR A 6 -1.01 -9.90 5.65
C TYR A 6 -2.47 -9.89 6.08
N ASN A 7 -2.84 -10.84 6.93
CA ASN A 7 -4.20 -10.91 7.47
C ASN A 7 -4.50 -9.69 8.33
N GLY A 8 -3.49 -9.21 9.05
CA GLY A 8 -3.62 -7.99 9.84
C GLY A 8 -3.52 -6.75 8.96
N LEU A 9 -4.37 -5.76 9.23
CA LEU A 9 -4.41 -4.54 8.43
C LEU A 9 -3.11 -3.76 8.55
N ALA A 10 -2.68 -3.54 9.79
CA ALA A 10 -1.46 -2.77 10.05
C ALA A 10 -0.25 -3.42 9.41
N GLU A 11 -0.20 -4.75 9.46
CA GLU A 11 0.91 -5.51 8.86
C GLU A 11 0.88 -5.41 7.35
N ALA A 12 -0.31 -5.48 6.77
CA ALA A 12 -0.47 -5.34 5.32
C ALA A 12 -0.11 -3.95 4.86
N LYS A 13 -0.47 -2.95 5.65
CA LYS A 13 -0.21 -1.55 5.30
C LYS A 13 1.27 -1.23 5.37
N GLU A 14 1.92 -1.67 6.43
CA GLU A 14 3.35 -1.46 6.61
C GLU A 14 4.14 -2.20 5.53
N LYS A 15 3.75 -3.44 5.25
CA LYS A 15 4.41 -4.25 4.24
C LYS A 15 4.30 -3.61 2.86
N ALA A 16 3.10 -3.14 2.52
CA ALA A 16 2.87 -2.50 1.24
C ALA A 16 3.75 -1.27 1.06
N ILE A 17 3.82 -0.45 2.12
CA ILE A 17 4.63 0.77 2.08
C ILE A 17 6.11 0.44 1.91
N LYS A 18 6.58 -0.58 2.63
CA LYS A 18 7.96 -1.02 2.51
C LYS A 18 8.28 -1.45 1.09
N ASP A 19 7.32 -2.08 0.43
CA ASP A 19 7.49 -2.48 -0.96
C ASP A 19 7.50 -1.27 -1.88
N LEU A 20 6.65 -0.29 -1.58
CA LEU A 20 6.58 0.93 -2.38
C LEU A 20 7.87 1.73 -2.30
N LYS A 21 8.51 1.69 -1.14
CA LYS A 21 9.78 2.38 -0.93
C LYS A 21 10.86 1.82 -1.84
N ILE A 22 10.75 0.54 -2.17
CA ILE A 22 11.72 -0.12 -3.04
C ILE A 22 11.70 0.51 -4.44
N TYR A 23 10.51 0.87 -4.91
CA TYR A 23 10.36 1.36 -6.27
C TYR A 23 10.56 2.87 -6.34
N GLY A 24 10.83 3.48 -5.19
CA GLY A 24 11.02 4.92 -5.12
C GLY A 24 9.68 5.66 -5.19
N ILE A 25 8.64 5.02 -4.68
CA ILE A 25 7.29 5.58 -4.76
C ILE A 25 7.16 6.81 -3.86
N GLY A 26 6.53 7.86 -4.40
CA GLY A 26 6.44 9.14 -3.71
C GLY A 26 5.55 9.03 -2.47
N GLU A 27 5.72 9.98 -1.56
CA GLU A 27 4.99 9.95 -0.28
C GLU A 27 3.49 10.09 -0.51
N HIS A 28 3.12 10.84 -1.54
CA HIS A 28 1.71 11.01 -1.91
C HIS A 28 1.02 9.66 -2.04
N TYR A 29 1.69 8.71 -2.69
CA TYR A 29 1.11 7.41 -2.97
C TYR A 29 1.31 6.45 -1.81
N ILE A 30 2.35 6.69 -1.02
CA ILE A 30 2.53 5.99 0.24
C ILE A 30 1.42 6.32 1.23
N LYS A 31 0.97 7.56 1.20
CA LYS A 31 -0.11 8.00 2.08
C LYS A 31 -1.41 7.30 1.75
N LEU A 32 -1.58 6.94 0.48
CA LEU A 32 -2.75 6.20 0.04
C LEU A 32 -2.91 4.89 0.80
N ILE A 33 -1.80 4.20 0.99
CA ILE A 33 -1.78 2.98 1.80
C ILE A 33 -2.08 3.28 3.27
N GLU A 34 -1.53 4.38 3.75
CA GLU A 34 -1.70 4.78 5.15
C GLU A 34 -3.17 5.07 5.46
N LYS A 35 -3.92 5.44 4.42
CA LYS A 35 -5.33 5.76 4.59
C LYS A 35 -6.21 4.55 4.32
N ALA A 36 -5.58 3.40 4.09
CA ALA A 36 -6.30 2.16 3.83
C ALA A 36 -7.02 1.67 5.08
N LYS A 37 -8.19 1.07 4.89
CA LYS A 37 -8.98 0.55 5.99
C LYS A 37 -9.15 -0.96 5.89
N GLN A 38 -8.87 -1.50 4.71
CA GLN A 38 -8.99 -2.93 4.46
C GLN A 38 -7.73 -3.48 3.82
N VAL A 39 -7.43 -4.75 4.10
CA VAL A 39 -6.28 -5.41 3.49
C VAL A 39 -6.46 -5.55 1.98
N ALA A 40 -7.67 -5.85 1.55
CA ALA A 40 -8.00 -5.89 0.13
C ALA A 40 -7.77 -4.54 -0.52
N ALA A 41 -8.10 -3.47 0.20
CA ALA A 41 -7.87 -2.11 -0.29
C ALA A 41 -6.38 -1.83 -0.45
N VAL A 42 -5.59 -2.31 0.51
CA VAL A 42 -4.14 -2.17 0.44
C VAL A 42 -3.59 -2.81 -0.83
N GLU A 43 -4.07 -4.01 -1.14
CA GLU A 43 -3.59 -4.76 -2.30
C GLU A 43 -4.12 -4.14 -3.59
N ASP A 44 -5.29 -3.52 -3.51
CA ASP A 44 -5.84 -2.78 -4.65
C ASP A 44 -5.06 -1.49 -4.89
N LEU A 45 -4.61 -0.88 -3.81
CA LEU A 45 -3.89 0.40 -3.90
C LEU A 45 -2.52 0.22 -4.53
N LYS A 46 -1.78 -0.78 -4.05
CA LYS A 46 -0.42 -1.02 -4.54
C LYS A 46 -0.41 -1.24 -6.04
N ASP A 47 -1.48 -1.82 -6.56
CA ASP A 47 -1.60 -2.07 -8.00
C ASP A 47 -1.79 -0.76 -8.76
N GLU A 48 -2.69 0.09 -8.27
CA GLU A 48 -2.97 1.35 -8.91
C GLU A 48 -1.80 2.31 -8.80
N ILE A 49 -1.08 2.21 -7.68
CA ILE A 49 0.10 3.05 -7.46
C ILE A 49 1.22 2.70 -8.43
N LEU A 50 1.57 1.42 -8.48
CA LEU A 50 2.64 0.95 -9.37
C LEU A 50 2.23 1.11 -10.84
N LYS A 51 0.95 1.00 -11.11
CA LYS A 51 0.42 1.26 -12.44
C LYS A 51 0.61 2.72 -12.83
N ALA A 52 0.28 3.62 -11.92
CA ALA A 52 0.41 5.05 -12.17
C ALA A 52 1.85 5.44 -12.51
N HIS A 53 2.79 4.75 -11.88
CA HIS A 53 4.21 5.04 -12.09
C HIS A 53 4.79 4.16 -13.19
N ASP A 54 4.00 3.19 -13.65
CA ASP A 54 4.45 2.27 -14.68
C ASP A 54 5.71 1.53 -14.25
N ARG A 55 5.73 1.09 -12.98
CA ARG A 55 6.87 0.37 -12.45
C ARG A 55 6.43 -0.87 -11.66
N PHE A 56 5.33 -1.48 -12.10
CA PHE A 56 4.83 -2.69 -11.46
C PHE A 56 5.81 -3.84 -11.60
#